data_5L01
#
_entry.id   5L01
#
_cell.length_a   47.302
_cell.length_b   58.167
_cell.length_c   56.678
_cell.angle_alpha   90.00
_cell.angle_beta   97.49
_cell.angle_gamma   90.00
#
_symmetry.space_group_name_H-M   'P 1 21 1'
#
loop_
_entity.id
_entity.type
_entity.pdbx_description
1 polymer 'Tryptophan 5-hydroxylase 1'
2 non-polymer 'FE (III) ION'
3 non-polymer '(3~{S})-8-[2-azanyl-6-[(1~{R})-1-(4-chloranyl-2-phenyl-phenyl)-2,2,2-tris(fluoranyl)ethoxy]pyrimidin-4-yl]-2,8-diazaspiro[4.5]decane-3-carboxylic acid'
4 water water
#
_entity_poly.entity_id   1
_entity_poly.type   'polypeptide(L)'
_entity_poly.pdbx_seq_one_letter_code
;MIEDNKENKDHSLERGRASLIFSLKNEVGGLIKALKIFQEKHVNLLHIESRKSKRRNSEFEIFVDCDINREQLNDIFHLL
KSHTNVLSVNLPDNFTLKEDGMETVPWFPKKISDLDHCANRVLMYGSELDADHPGFKDNVYRKRRKYFADLAMNYKHGDP
IPKVEFTEEEIKTWGTVFQELNKLYPTHACREYLKNLPLLSKYCGYREDNIPQLEDVSNFLKERTGFSIRPVAGYLSPRD
FLSGLAFRVFHCTQYVRHSSDPFYTPEPDTCHELLGHVPLLAEPSFAQFSQEIGLASLGASEEAVQKLATCYFFTVEFGL
CKQDGQLRVFGAGLLSSISELKHALSGHAKVKPFDPKITCKQECLITTFQDVYFVSESFEDAKEKMREFTKTIKRPFGVK
YNPYTRSIQILKDTKSITSAMNELQHDLDVVSDALAKVSRKPSI
;
_entity_poly.pdbx_strand_id   A
#
loop_
_chem_comp.id
_chem_comp.type
_chem_comp.name
_chem_comp.formula
6Z4 non-polymer '(3~{S})-8-[2-azanyl-6-[(1~{R})-1-(4-chloranyl-2-phenyl-phenyl)-2,2,2-tris(fluoranyl)ethoxy]pyrimidin-4-yl]-2,8-diazaspiro[4.5]decane-3-carboxylic acid' 'C27 H27 Cl F3 N5 O3'
FE non-polymer 'FE (III) ION' 'Fe 3'
#
# COMPACT_ATOMS: atom_id res chain seq x y z
N THR A 104 24.52 -16.91 10.74
CA THR A 104 23.11 -17.24 10.83
C THR A 104 22.22 -16.24 10.15
N VAL A 105 21.18 -16.73 9.50
CA VAL A 105 20.18 -15.91 8.87
C VAL A 105 18.89 -16.05 9.64
N PRO A 106 18.16 -14.90 9.86
CA PRO A 106 16.88 -15.08 10.55
C PRO A 106 15.87 -15.92 9.71
N TRP A 107 14.83 -16.46 10.31
CA TRP A 107 13.80 -17.23 9.57
C TRP A 107 13.27 -16.26 8.49
N PHE A 108 13.08 -16.81 7.31
CA PHE A 108 12.29 -16.12 6.31
C PHE A 108 11.48 -17.09 5.54
N PRO A 109 10.38 -16.62 4.94
CA PRO A 109 9.58 -17.56 4.17
C PRO A 109 10.17 -18.00 2.85
N LYS A 110 9.94 -19.26 2.49
CA LYS A 110 10.48 -19.85 1.27
C LYS A 110 9.46 -20.18 0.26
N LYS A 111 8.21 -20.19 0.68
CA LYS A 111 7.11 -20.32 -0.24
C LYS A 111 5.95 -19.47 0.24
N ILE A 112 5.02 -19.19 -0.67
CA ILE A 112 3.88 -18.31 -0.40
C ILE A 112 3.08 -18.74 0.85
N SER A 113 2.90 -20.04 1.07
CA SER A 113 2.16 -20.56 2.26
C SER A 113 2.86 -20.30 3.57
N ASP A 114 4.17 -20.07 3.53
CA ASP A 114 4.89 -19.75 4.76
C ASP A 114 4.50 -18.43 5.33
N LEU A 115 3.82 -17.58 4.56
CA LEU A 115 3.37 -16.35 5.12
C LEU A 115 2.31 -16.59 6.22
N ASP A 116 1.73 -17.80 6.29
CA ASP A 116 0.81 -18.17 7.38
C ASP A 116 1.47 -18.03 8.71
N HIS A 117 2.78 -18.23 8.77
CA HIS A 117 3.53 -18.17 10.02
C HIS A 117 3.93 -16.78 10.50
N CYS A 118 3.91 -15.74 9.70
CA CYS A 118 4.20 -14.43 10.26
C CYS A 118 3.01 -13.49 10.24
N ALA A 119 2.05 -13.76 9.37
CA ALA A 119 1.03 -12.76 9.06
C ALA A 119 0.10 -12.45 10.27
N ASN A 120 0.07 -13.36 11.25
CA ASN A 120 -0.50 -13.12 12.61
C ASN A 120 0.36 -12.39 13.70
N ARG A 121 1.61 -12.03 13.40
CA ARG A 121 2.56 -11.40 14.34
C ARG A 121 2.37 -9.87 14.17
N VAL A 122 1.30 -9.37 14.76
CA VAL A 122 0.71 -8.11 14.34
C VAL A 122 0.59 -7.19 15.57
N LEU A 123 0.87 -5.89 15.44
CA LEU A 123 0.36 -4.92 16.44
C LEU A 123 -1.08 -4.44 16.00
N MET A 124 -2.07 -4.67 16.89
CA MET A 124 -3.49 -4.33 16.61
C MET A 124 -3.96 -2.98 17.17
N TYR A 125 -5.17 -2.60 16.75
CA TYR A 125 -5.85 -1.40 17.28
C TYR A 125 -6.09 -1.56 18.78
N GLY A 126 -5.90 -0.49 19.57
CA GLY A 126 -6.20 -0.53 21.03
C GLY A 126 -5.30 0.35 21.86
N GLY A 135 -12.76 6.98 18.13
CA GLY A 135 -13.04 5.52 17.99
C GLY A 135 -12.50 4.60 19.08
N PHE A 136 -11.43 5.05 19.74
CA PHE A 136 -10.79 4.38 20.91
C PHE A 136 -11.77 3.97 21.98
N LYS A 137 -12.82 4.79 22.18
CA LYS A 137 -13.86 4.62 23.20
C LYS A 137 -15.24 4.23 22.68
N ASP A 138 -15.38 4.11 21.37
CA ASP A 138 -16.62 3.75 20.71
C ASP A 138 -16.79 2.21 20.71
N ASN A 139 -17.79 1.70 21.44
CA ASN A 139 -17.92 0.26 21.65
C ASN A 139 -18.27 -0.42 20.32
N VAL A 140 -19.11 0.24 19.52
CA VAL A 140 -19.53 -0.27 18.20
C VAL A 140 -18.33 -0.31 17.22
N TYR A 141 -17.54 0.74 17.19
CA TYR A 141 -16.35 0.77 16.35
C TYR A 141 -15.37 -0.35 16.75
N ARG A 142 -15.18 -0.56 18.04
CA ARG A 142 -14.22 -1.55 18.57
C ARG A 142 -14.62 -2.97 18.20
N LYS A 143 -15.89 -3.28 18.41
CA LYS A 143 -16.48 -4.57 18.09
C LYS A 143 -16.29 -4.85 16.59
N ARG A 144 -16.52 -3.80 15.79
CA ARG A 144 -16.37 -3.90 14.34
C ARG A 144 -14.91 -4.15 13.99
N ARG A 145 -14.00 -3.42 14.63
CA ARG A 145 -12.61 -3.68 14.38
C ARG A 145 -12.19 -5.09 14.78
N LYS A 146 -12.76 -5.64 15.88
CA LYS A 146 -12.44 -7.02 16.29
C LYS A 146 -12.90 -8.04 15.24
N TYR A 147 -14.10 -7.82 14.71
CA TYR A 147 -14.65 -8.65 13.66
C TYR A 147 -13.65 -8.76 12.48
N PHE A 148 -13.15 -7.64 12.00
CA PHE A 148 -12.16 -7.69 10.89
C PHE A 148 -10.86 -8.32 11.27
N ALA A 149 -10.33 -8.02 12.47
CA ALA A 149 -9.08 -8.61 12.89
C ALA A 149 -9.16 -10.12 12.93
N ASP A 150 -10.29 -10.64 13.39
CA ASP A 150 -10.49 -12.08 13.50
C ASP A 150 -10.54 -12.70 12.12
N LEU A 151 -11.21 -12.05 11.19
CA LEU A 151 -11.23 -12.61 9.81
C LEU A 151 -9.80 -12.74 9.30
N ALA A 152 -8.96 -11.76 9.59
CA ALA A 152 -7.57 -11.81 9.11
C ALA A 152 -6.81 -12.90 9.83
N MET A 153 -7.03 -13.03 11.13
CA MET A 153 -6.31 -14.06 11.95
C MET A 153 -6.66 -15.46 11.57
N ASN A 154 -7.90 -15.69 11.23
CA ASN A 154 -8.31 -17.03 10.84
C ASN A 154 -7.99 -17.39 9.42
N TYR A 155 -7.59 -16.40 8.61
CA TYR A 155 -7.24 -16.65 7.20
C TYR A 155 -6.00 -17.53 7.09
N LYS A 156 -6.04 -18.52 6.19
CA LYS A 156 -4.86 -19.28 5.80
CA LYS A 156 -4.84 -19.29 5.80
C LYS A 156 -4.71 -19.30 4.29
N HIS A 157 -3.46 -19.30 3.81
CA HIS A 157 -3.18 -19.34 2.37
C HIS A 157 -3.98 -20.47 1.74
N GLY A 158 -4.57 -20.18 0.61
CA GLY A 158 -5.49 -21.06 -0.07
C GLY A 158 -6.97 -20.75 0.11
N ASP A 159 -7.30 -20.09 1.19
CA ASP A 159 -8.70 -19.70 1.43
C ASP A 159 -9.10 -18.63 0.45
N PRO A 160 -10.35 -18.64 0.00
CA PRO A 160 -10.88 -17.36 -0.56
C PRO A 160 -10.92 -16.31 0.57
N ILE A 161 -10.68 -15.03 0.26
CA ILE A 161 -10.64 -14.05 1.30
C ILE A 161 -12.12 -13.76 1.64
N PRO A 162 -12.51 -13.90 2.93
CA PRO A 162 -13.95 -13.64 3.29
C PRO A 162 -14.49 -12.33 2.72
N LYS A 163 -15.67 -12.39 2.13
CA LYS A 163 -16.33 -11.18 1.62
C LYS A 163 -17.12 -10.61 2.74
N VAL A 164 -17.08 -9.28 2.87
CA VAL A 164 -17.63 -8.56 4.00
C VAL A 164 -18.82 -7.76 3.53
N GLU A 165 -19.91 -7.84 4.30
CA GLU A 165 -21.03 -6.91 4.12
C GLU A 165 -20.72 -5.63 4.92
N PHE A 166 -20.36 -4.59 4.19
CA PHE A 166 -19.99 -3.31 4.83
C PHE A 166 -21.25 -2.60 5.27
N THR A 167 -21.16 -1.88 6.37
CA THR A 167 -22.29 -1.11 6.86
C THR A 167 -22.53 0.13 6.03
N GLU A 168 -23.69 0.75 6.26
CA GLU A 168 -24.05 1.94 5.52
C GLU A 168 -23.06 3.07 5.79
N GLU A 169 -22.65 3.22 7.03
CA GLU A 169 -21.68 4.28 7.38
C GLU A 169 -20.30 4.01 6.75
N GLU A 170 -19.94 2.73 6.69
CA GLU A 170 -18.64 2.35 6.06
C GLU A 170 -18.72 2.75 4.60
N ILE A 171 -19.83 2.41 3.94
CA ILE A 171 -19.98 2.72 2.55
C ILE A 171 -20.00 4.22 2.32
N LYS A 172 -20.61 4.99 3.23
CA LYS A 172 -20.64 6.46 3.07
C LYS A 172 -19.27 7.07 3.20
N THR A 173 -18.46 6.53 4.08
CA THR A 173 -17.08 7.02 4.24
C THR A 173 -16.29 6.74 2.97
N TRP A 174 -16.40 5.52 2.47
CA TRP A 174 -15.81 5.12 1.14
C TRP A 174 -16.22 6.07 0.05
N GLY A 175 -17.51 6.38 -0.02
CA GLY A 175 -18.06 7.23 -1.10
C GLY A 175 -17.46 8.61 -1.10
N THR A 176 -17.39 9.19 0.08
CA THR A 176 -16.72 10.47 0.27
C THR A 176 -15.28 10.45 -0.25
N VAL A 177 -14.52 9.48 0.22
CA VAL A 177 -13.16 9.30 -0.16
C VAL A 177 -13.08 9.08 -1.71
N PHE A 178 -13.82 8.12 -2.24
CA PHE A 178 -13.83 7.81 -3.64
C PHE A 178 -14.16 9.06 -4.47
N GLN A 179 -15.27 9.70 -4.15
CA GLN A 179 -15.71 10.87 -4.89
C GLN A 179 -14.69 11.99 -4.99
N GLU A 180 -14.15 12.40 -3.88
CA GLU A 180 -13.18 13.48 -3.83
C GLU A 180 -11.86 13.12 -4.55
N LEU A 181 -11.33 11.96 -4.26
CA LEU A 181 -10.12 11.51 -4.92
C LEU A 181 -10.24 11.45 -6.45
N ASN A 182 -11.37 10.96 -6.91
CA ASN A 182 -11.55 10.81 -8.37
C ASN A 182 -11.58 12.17 -9.09
N LYS A 183 -11.85 13.23 -8.36
CA LYS A 183 -11.70 14.59 -8.91
C LYS A 183 -10.29 15.03 -9.01
N LEU A 184 -9.39 14.44 -8.22
CA LEU A 184 -7.98 14.79 -8.21
C LEU A 184 -7.12 13.92 -9.08
N TYR A 185 -7.46 12.66 -9.22
CA TYR A 185 -6.54 11.76 -9.94
C TYR A 185 -6.13 12.24 -11.36
N PRO A 186 -7.09 12.78 -12.18
CA PRO A 186 -6.69 13.19 -13.54
C PRO A 186 -5.53 14.15 -13.63
N THR A 187 -5.40 15.02 -12.66
CA THR A 187 -4.37 16.01 -12.66
C THR A 187 -3.22 15.64 -11.74
N HIS A 188 -3.45 14.73 -10.81
CA HIS A 188 -2.46 14.40 -9.80
C HIS A 188 -1.75 13.03 -9.97
N ALA A 189 -2.45 12.01 -10.45
CA ALA A 189 -1.89 10.66 -10.50
C ALA A 189 -1.02 10.37 -11.71
N CYS A 190 -0.04 9.47 -11.53
CA CYS A 190 0.78 9.05 -12.62
C CYS A 190 -0.06 8.29 -13.68
N ARG A 191 0.44 8.27 -14.92
CA ARG A 191 -0.32 7.72 -16.03
CA ARG A 191 -0.30 7.70 -16.05
C ARG A 191 -0.64 6.24 -15.82
N GLU A 192 0.26 5.51 -15.18
CA GLU A 192 0.07 4.07 -14.92
C GLU A 192 -1.11 3.86 -14.03
N TYR A 193 -1.29 4.75 -13.06
CA TYR A 193 -2.43 4.66 -12.11
C TYR A 193 -3.74 4.84 -12.89
N LEU A 194 -3.82 5.92 -13.69
CA LEU A 194 -5.03 6.25 -14.43
C LEU A 194 -5.33 5.24 -15.51
N LYS A 195 -4.32 4.59 -16.06
CA LYS A 195 -4.56 3.49 -17.03
C LYS A 195 -5.26 2.30 -16.38
N ASN A 196 -4.92 1.97 -15.12
CA ASN A 196 -5.49 0.78 -14.46
C ASN A 196 -6.79 1.02 -13.69
N LEU A 197 -7.03 2.25 -13.30
CA LEU A 197 -8.22 2.55 -12.50
C LEU A 197 -9.58 2.20 -13.16
N PRO A 198 -9.78 2.44 -14.47
CA PRO A 198 -11.00 1.99 -15.20
C PRO A 198 -11.25 0.49 -15.28
N LEU A 199 -10.18 -0.26 -15.35
CA LEU A 199 -10.27 -1.72 -15.40
C LEU A 199 -10.80 -2.25 -14.07
N LEU A 200 -10.45 -1.57 -12.98
CA LEU A 200 -10.93 -1.93 -11.66
C LEU A 200 -12.35 -1.56 -11.41
N SER A 201 -12.77 -0.41 -11.88
CA SER A 201 -14.17 -0.12 -11.90
C SER A 201 -14.95 -1.20 -12.60
N LYS A 202 -14.54 -1.56 -13.81
CA LYS A 202 -15.26 -2.54 -14.62
C LYS A 202 -15.28 -3.93 -13.97
N TYR A 203 -14.16 -4.41 -13.47
CA TYR A 203 -14.11 -5.80 -13.04
C TYR A 203 -14.28 -6.01 -11.54
N CYS A 204 -13.99 -4.99 -10.71
CA CYS A 204 -14.01 -5.22 -9.25
C CYS A 204 -15.02 -4.41 -8.46
N GLY A 205 -15.91 -3.69 -9.15
CA GLY A 205 -16.96 -2.92 -8.50
C GLY A 205 -16.55 -1.66 -7.77
N TYR A 206 -15.54 -0.99 -8.29
CA TYR A 206 -15.18 0.30 -7.72
C TYR A 206 -16.23 1.31 -8.16
N ARG A 207 -17.04 1.75 -7.22
CA ARG A 207 -18.07 2.76 -7.43
CA ARG A 207 -17.90 2.87 -7.48
C ARG A 207 -18.23 3.49 -6.13
N GLU A 208 -18.85 4.67 -6.18
CA GLU A 208 -19.11 5.49 -5.00
C GLU A 208 -19.93 4.75 -3.96
N ASP A 209 -20.84 3.89 -4.43
CA ASP A 209 -21.81 3.20 -3.53
C ASP A 209 -21.40 1.79 -3.18
N ASN A 210 -20.21 1.32 -3.57
CA ASN A 210 -19.86 -0.06 -3.35
C ASN A 210 -18.37 -0.16 -2.96
N ILE A 211 -18.07 -0.82 -1.85
CA ILE A 211 -16.68 -1.06 -1.46
C ILE A 211 -16.23 -2.36 -2.12
N PRO A 212 -15.16 -2.34 -2.94
CA PRO A 212 -14.70 -3.59 -3.55
C PRO A 212 -14.26 -4.66 -2.51
N GLN A 213 -14.46 -5.93 -2.82
CA GLN A 213 -13.98 -7.02 -1.93
C GLN A 213 -12.53 -7.43 -2.27
N LEU A 214 -11.79 -7.69 -1.23
CA LEU A 214 -10.38 -8.07 -1.36
C LEU A 214 -10.24 -9.28 -2.20
N GLU A 215 -11.17 -10.24 -2.09
CA GLU A 215 -11.14 -11.40 -2.97
C GLU A 215 -11.16 -11.09 -4.47
N ASP A 216 -12.02 -10.17 -4.87
CA ASP A 216 -12.18 -9.83 -6.26
C ASP A 216 -10.91 -9.15 -6.77
N VAL A 217 -10.38 -8.29 -5.97
CA VAL A 217 -9.21 -7.54 -6.33
C VAL A 217 -7.98 -8.42 -6.36
N SER A 218 -7.91 -9.36 -5.42
CA SER A 218 -6.85 -10.35 -5.47
C SER A 218 -6.85 -11.17 -6.81
N ASN A 219 -8.02 -11.59 -7.24
CA ASN A 219 -8.17 -12.38 -8.48
C ASN A 219 -7.81 -11.58 -9.72
N PHE A 220 -8.24 -10.31 -9.71
CA PHE A 220 -7.88 -9.42 -10.75
C PHE A 220 -6.33 -9.27 -10.82
N LEU A 221 -5.68 -9.00 -9.69
CA LEU A 221 -4.24 -8.83 -9.71
C LEU A 221 -3.49 -10.09 -10.10
N LYS A 222 -3.98 -11.24 -9.64
CA LYS A 222 -3.35 -12.52 -9.98
C LYS A 222 -3.29 -12.67 -11.49
N GLU A 223 -4.34 -12.29 -12.22
CA GLU A 223 -4.33 -12.35 -13.70
C GLU A 223 -3.42 -11.32 -14.30
N ARG A 224 -3.35 -10.12 -13.75
CA ARG A 224 -2.61 -9.05 -14.40
C ARG A 224 -1.07 -9.13 -14.16
N THR A 225 -0.65 -9.28 -12.92
CA THR A 225 0.78 -9.26 -12.56
C THR A 225 1.19 -10.42 -11.67
N GLY A 226 0.32 -11.34 -11.35
CA GLY A 226 0.63 -12.39 -10.37
C GLY A 226 0.59 -11.88 -8.95
N PHE A 227 0.27 -10.64 -8.72
CA PHE A 227 0.06 -10.19 -7.32
C PHE A 227 -1.20 -10.81 -6.71
N SER A 228 -1.18 -11.04 -5.40
CA SER A 228 -2.34 -11.45 -4.65
C SER A 228 -2.38 -10.72 -3.34
N ILE A 229 -3.55 -10.83 -2.73
CA ILE A 229 -3.81 -10.22 -1.42
C ILE A 229 -3.96 -11.23 -0.32
N ARG A 230 -3.47 -10.83 0.85
CA ARG A 230 -3.80 -11.50 2.07
C ARG A 230 -4.36 -10.48 3.07
N PRO A 231 -5.50 -10.77 3.73
CA PRO A 231 -5.96 -9.85 4.74
C PRO A 231 -5.09 -9.86 5.94
N VAL A 232 -4.90 -8.72 6.59
CA VAL A 232 -4.00 -8.68 7.73
C VAL A 232 -4.65 -7.89 8.87
N ALA A 233 -4.40 -8.31 10.11
CA ALA A 233 -5.19 -7.79 11.23
C ALA A 233 -4.74 -6.40 11.67
N GLY A 234 -3.47 -6.10 11.52
CA GLY A 234 -2.91 -4.79 11.86
C GLY A 234 -1.50 -4.70 11.27
N TYR A 235 -0.60 -4.01 11.95
CA TYR A 235 0.73 -3.74 11.39
C TYR A 235 1.65 -4.93 11.53
N LEU A 236 2.27 -5.35 10.43
CA LEU A 236 3.34 -6.35 10.50
C LEU A 236 4.57 -5.60 10.68
N SER A 237 5.64 -6.25 11.13
CA SER A 237 6.97 -5.62 11.05
C SER A 237 7.34 -5.39 9.57
N PRO A 238 8.23 -4.42 9.31
CA PRO A 238 8.78 -4.19 8.03
C PRO A 238 9.34 -5.42 7.43
N ARG A 239 9.99 -6.23 8.25
CA ARG A 239 10.49 -7.49 7.79
C ARG A 239 9.39 -8.40 7.23
N ASP A 240 8.31 -8.58 7.99
CA ASP A 240 7.34 -9.56 7.61
C ASP A 240 6.52 -8.98 6.39
N PHE A 241 6.22 -7.69 6.43
CA PHE A 241 5.50 -7.04 5.37
C PHE A 241 6.26 -7.20 4.03
N LEU A 242 7.57 -6.87 4.07
CA LEU A 242 8.40 -6.96 2.89
C LEU A 242 8.54 -8.39 2.37
N SER A 243 8.58 -9.35 3.29
CA SER A 243 8.77 -10.71 2.87
C SER A 243 7.56 -11.14 2.01
N GLY A 244 6.36 -10.60 2.27
CA GLY A 244 5.19 -10.91 1.47
C GLY A 244 5.42 -10.48 0.04
N LEU A 245 5.95 -9.31 -0.15
CA LEU A 245 6.18 -8.76 -1.50
C LEU A 245 7.09 -9.66 -2.31
N ALA A 246 7.95 -10.43 -1.67
CA ALA A 246 8.83 -11.38 -2.33
C ALA A 246 8.11 -12.42 -3.10
N PHE A 247 6.90 -12.75 -2.68
CA PHE A 247 6.07 -13.72 -3.39
C PHE A 247 4.92 -13.06 -4.06
N ARG A 248 5.05 -11.76 -4.29
CA ARG A 248 3.96 -10.90 -4.82
C ARG A 248 2.65 -11.01 -4.02
N VAL A 249 2.80 -11.00 -2.71
CA VAL A 249 1.67 -10.94 -1.77
C VAL A 249 1.71 -9.58 -1.11
N PHE A 250 0.58 -8.86 -1.21
CA PHE A 250 0.39 -7.63 -0.54
C PHE A 250 -0.59 -7.82 0.66
N HIS A 251 -0.11 -7.62 1.89
CA HIS A 251 -0.97 -7.71 3.07
C HIS A 251 -1.84 -6.47 3.17
N CYS A 252 -3.17 -6.66 3.26
CA CYS A 252 -4.15 -5.56 3.14
C CYS A 252 -5.09 -5.57 4.29
N THR A 253 -5.31 -4.39 4.84
CA THR A 253 -6.39 -4.22 5.83
C THR A 253 -7.71 -4.17 5.11
N GLN A 254 -8.71 -4.60 5.87
CA GLN A 254 -10.05 -4.85 5.38
C GLN A 254 -11.12 -3.94 5.98
N TYR A 255 -10.81 -3.29 7.10
CA TYR A 255 -11.75 -2.35 7.75
C TYR A 255 -11.69 -0.96 7.07
N VAL A 256 -12.66 -0.14 7.40
CA VAL A 256 -12.76 1.21 6.94
C VAL A 256 -12.35 2.24 8.00
N ARG A 257 -11.64 3.27 7.55
CA ARG A 257 -11.21 4.37 8.44
C ARG A 257 -12.48 4.92 9.18
N HIS A 258 -12.25 5.38 10.41
CA HIS A 258 -13.32 6.09 11.23
C HIS A 258 -13.87 7.25 10.45
N SER A 259 -15.21 7.39 10.47
CA SER A 259 -15.98 8.36 9.66
C SER A 259 -15.63 9.83 9.94
N SER A 260 -15.08 10.10 11.08
CA SER A 260 -14.63 11.44 11.40
C SER A 260 -13.40 11.92 10.63
N ASP A 261 -12.54 11.04 10.11
CA ASP A 261 -11.37 11.51 9.30
C ASP A 261 -11.35 10.94 7.91
N PRO A 262 -12.28 11.35 7.07
CA PRO A 262 -12.17 10.85 5.69
C PRO A 262 -10.88 11.30 4.94
N PHE A 263 -10.35 12.48 5.25
CA PHE A 263 -9.34 13.08 4.35
C PHE A 263 -7.92 12.66 4.56
N TYR A 264 -7.61 12.15 5.76
CA TYR A 264 -6.27 11.74 6.13
C TYR A 264 -6.48 10.85 7.34
N THR A 265 -5.86 9.67 7.36
CA THR A 265 -5.83 8.84 8.55
C THR A 265 -4.38 8.37 8.72
N PRO A 266 -3.90 8.32 9.97
CA PRO A 266 -2.55 7.82 10.20
C PRO A 266 -2.45 6.27 10.14
N GLU A 267 -3.55 5.59 10.03
CA GLU A 267 -3.55 4.14 10.06
C GLU A 267 -4.02 3.60 8.69
N PRO A 268 -3.38 2.55 8.14
CA PRO A 268 -3.86 2.04 6.84
C PRO A 268 -5.23 1.43 6.98
N ASP A 269 -6.13 1.70 6.04
CA ASP A 269 -7.40 1.08 6.03
C ASP A 269 -7.60 0.47 4.66
N THR A 270 -8.77 -0.12 4.45
CA THR A 270 -9.11 -0.75 3.20
C THR A 270 -9.26 0.28 2.06
N CYS A 271 -9.74 1.50 2.34
CA CYS A 271 -9.72 2.56 1.34
C CYS A 271 -8.29 2.80 0.81
N HIS A 272 -7.31 2.94 1.73
CA HIS A 272 -5.92 3.09 1.33
C HIS A 272 -5.43 1.92 0.48
N GLU A 273 -5.73 0.71 0.87
CA GLU A 273 -5.24 -0.44 0.08
C GLU A 273 -5.85 -0.41 -1.33
N LEU A 274 -7.16 -0.19 -1.39
CA LEU A 274 -7.91 -0.36 -2.67
C LEU A 274 -7.70 0.78 -3.61
N LEU A 275 -7.69 1.99 -3.08
CA LEU A 275 -7.45 3.15 -3.96
C LEU A 275 -6.04 3.57 -4.11
N GLY A 276 -5.24 3.36 -3.07
CA GLY A 276 -3.84 3.70 -3.09
C GLY A 276 -2.94 2.68 -3.76
N HIS A 277 -2.98 1.44 -3.27
CA HIS A 277 -2.04 0.42 -3.75
C HIS A 277 -2.45 -0.41 -4.98
N VAL A 278 -3.69 -0.86 -5.00
CA VAL A 278 -4.14 -1.85 -5.99
C VAL A 278 -3.90 -1.41 -7.44
N PRO A 279 -4.27 -0.16 -7.80
CA PRO A 279 -4.09 0.18 -9.22
C PRO A 279 -2.62 0.13 -9.69
N LEU A 280 -1.68 0.39 -8.82
CA LEU A 280 -0.27 0.21 -9.24
C LEU A 280 0.22 -1.19 -9.17
N LEU A 281 -0.34 -2.03 -8.29
CA LEU A 281 0.06 -3.41 -8.30
C LEU A 281 -0.34 -4.14 -9.61
N ALA A 282 -1.33 -3.59 -10.29
CA ALA A 282 -1.80 -4.10 -11.54
C ALA A 282 -0.87 -3.76 -12.72
N GLU A 283 0.17 -2.97 -12.48
CA GLU A 283 1.08 -2.51 -13.50
C GLU A 283 2.35 -3.37 -13.43
N PRO A 284 2.70 -4.12 -14.50
CA PRO A 284 3.91 -4.98 -14.53
C PRO A 284 5.26 -4.36 -14.01
N SER A 285 5.63 -3.16 -14.46
CA SER A 285 6.90 -2.52 -14.00
C SER A 285 6.90 -2.20 -12.51
N PHE A 286 5.75 -1.81 -12.01
CA PHE A 286 5.60 -1.55 -10.60
C PHE A 286 5.61 -2.80 -9.73
N ALA A 287 4.88 -3.81 -10.18
CA ALA A 287 4.91 -5.09 -9.49
C ALA A 287 6.30 -5.68 -9.40
N GLN A 288 7.04 -5.54 -10.47
CA GLN A 288 8.45 -5.95 -10.43
C GLN A 288 9.29 -5.19 -9.40
N PHE A 289 9.13 -3.87 -9.42
CA PHE A 289 9.78 -3.01 -8.47
C PHE A 289 9.50 -3.42 -7.05
N SER A 290 8.22 -3.54 -6.73
CA SER A 290 7.85 -3.97 -5.42
C SER A 290 8.41 -5.32 -5.06
N GLN A 291 8.26 -6.31 -5.94
CA GLN A 291 8.72 -7.64 -5.60
C GLN A 291 10.23 -7.62 -5.30
N GLU A 292 10.97 -6.79 -6.03
CA GLU A 292 12.42 -6.74 -5.80
C GLU A 292 12.84 -6.16 -4.46
N ILE A 293 12.04 -5.29 -3.90
CA ILE A 293 12.28 -4.82 -2.55
C ILE A 293 12.11 -5.98 -1.59
N GLY A 294 11.02 -6.73 -1.78
CA GLY A 294 10.78 -7.95 -1.01
C GLY A 294 11.90 -8.94 -1.08
N LEU A 295 12.31 -9.29 -2.29
CA LEU A 295 13.33 -10.28 -2.51
C LEU A 295 14.62 -9.87 -1.82
N ALA A 296 14.99 -8.61 -1.97
CA ALA A 296 16.23 -8.12 -1.35
C ALA A 296 16.15 -8.25 0.17
N SER A 297 14.96 -8.21 0.74
CA SER A 297 14.78 -8.16 2.20
C SER A 297 14.89 -9.51 2.85
N LEU A 298 14.66 -10.59 2.08
CA LEU A 298 14.60 -11.93 2.62
C LEU A 298 15.90 -12.37 3.31
N GLY A 299 15.82 -12.60 4.62
CA GLY A 299 17.00 -13.01 5.35
C GLY A 299 18.05 -11.95 5.54
N ALA A 300 17.77 -10.69 5.16
CA ALA A 300 18.72 -9.62 5.35
C ALA A 300 18.90 -9.23 6.84
N SER A 301 19.94 -8.43 7.09
CA SER A 301 20.21 -7.88 8.42
C SER A 301 19.14 -6.85 8.77
N GLU A 302 19.04 -6.53 10.06
CA GLU A 302 18.05 -5.55 10.57
C GLU A 302 18.27 -4.19 9.92
N GLU A 303 19.55 -3.87 9.77
CA GLU A 303 19.95 -2.58 9.21
C GLU A 303 19.53 -2.52 7.75
N ALA A 304 19.78 -3.58 7.01
CA ALA A 304 19.32 -3.67 5.64
C ALA A 304 17.79 -3.62 5.46
N VAL A 305 17.06 -4.34 6.28
CA VAL A 305 15.59 -4.28 6.26
C VAL A 305 15.15 -2.87 6.51
N GLN A 306 15.77 -2.18 7.47
CA GLN A 306 15.32 -0.83 7.77
C GLN A 306 15.53 0.10 6.60
N LYS A 307 16.64 -0.06 5.89
CA LYS A 307 16.90 0.75 4.74
C LYS A 307 15.93 0.46 3.60
N LEU A 308 15.71 -0.82 3.36
CA LEU A 308 14.78 -1.24 2.33
C LEU A 308 13.39 -0.77 2.63
N ALA A 309 12.96 -0.87 3.89
CA ALA A 309 11.64 -0.40 4.33
C ALA A 309 11.46 1.12 4.16
N THR A 310 12.52 1.90 4.40
CA THR A 310 12.44 3.32 4.18
C THR A 310 12.35 3.64 2.71
N CYS A 311 13.11 2.94 1.87
CA CYS A 311 13.03 3.17 0.43
C CYS A 311 11.58 2.83 -0.07
N TYR A 312 11.06 1.68 0.38
CA TYR A 312 9.67 1.33 0.10
C TYR A 312 8.69 2.45 0.51
N PHE A 313 8.86 2.97 1.73
CA PHE A 313 8.00 4.02 2.27
C PHE A 313 8.04 5.27 1.39
N PHE A 314 9.22 5.64 0.95
CA PHE A 314 9.34 6.83 0.11
C PHE A 314 9.13 6.64 -1.39
N THR A 315 8.79 5.43 -1.81
CA THR A 315 8.39 5.20 -3.17
C THR A 315 6.96 4.71 -3.19
N VAL A 316 6.82 3.47 -2.79
CA VAL A 316 5.49 2.77 -2.79
C VAL A 316 4.45 3.51 -2.00
N GLU A 317 4.80 4.02 -0.81
CA GLU A 317 3.81 4.77 -0.04
C GLU A 317 3.77 6.26 -0.39
N PHE A 318 4.91 6.94 -0.58
CA PHE A 318 4.85 8.43 -0.70
C PHE A 318 5.62 9.06 -1.89
N GLY A 319 5.90 8.22 -2.87
CA GLY A 319 6.62 8.62 -4.04
C GLY A 319 5.92 9.56 -5.01
N LEU A 320 6.73 10.38 -5.64
CA LEU A 320 6.33 11.22 -6.75
C LEU A 320 7.12 10.77 -7.97
N CYS A 321 6.62 11.08 -9.16
CA CYS A 321 7.43 10.82 -10.36
C CYS A 321 7.25 11.98 -11.31
N LYS A 322 8.23 12.15 -12.17
CA LYS A 322 8.19 13.20 -13.19
C LYS A 322 7.80 12.54 -14.52
N GLN A 323 6.69 13.01 -15.06
CA GLN A 323 6.18 12.48 -16.31
C GLN A 323 5.87 13.63 -17.28
N ASP A 324 6.45 13.55 -18.46
CA ASP A 324 6.45 14.64 -19.46
C ASP A 324 6.77 15.97 -18.84
N GLY A 325 7.77 16.02 -17.96
CA GLY A 325 8.11 17.26 -17.25
C GLY A 325 7.31 17.73 -16.04
N GLN A 326 6.18 17.07 -15.74
CA GLN A 326 5.34 17.49 -14.63
C GLN A 326 5.45 16.48 -13.47
N LEU A 327 5.24 16.93 -12.25
CA LEU A 327 5.16 16.01 -11.09
C LEU A 327 3.81 15.35 -11.01
N ARG A 328 3.87 14.04 -10.85
CA ARG A 328 2.71 13.24 -10.58
C ARG A 328 2.98 12.38 -9.34
N VAL A 329 1.93 11.79 -8.81
CA VAL A 329 2.00 10.94 -7.63
C VAL A 329 1.85 9.46 -7.99
N PHE A 330 2.67 8.60 -7.35
CA PHE A 330 2.45 7.17 -7.37
C PHE A 330 2.37 6.53 -6.01
N GLY A 331 2.73 7.29 -4.97
CA GLY A 331 2.67 6.80 -3.61
C GLY A 331 1.25 6.54 -3.17
N ALA A 332 0.99 5.34 -2.69
CA ALA A 332 -0.33 4.98 -2.24
C ALA A 332 -0.82 5.78 -1.06
N GLY A 333 0.07 6.15 -0.17
CA GLY A 333 -0.38 6.97 0.97
C GLY A 333 -0.83 8.37 0.59
N LEU A 334 -0.35 8.86 -0.56
CA LEU A 334 -0.82 10.08 -1.19
C LEU A 334 -2.12 9.82 -1.98
N LEU A 335 -2.19 8.73 -2.75
CA LEU A 335 -3.32 8.46 -3.58
C LEU A 335 -4.61 8.16 -2.84
N SER A 336 -4.53 7.83 -1.52
CA SER A 336 -5.74 7.57 -0.74
C SER A 336 -6.11 8.67 0.26
N SER A 337 -5.27 9.72 0.37
CA SER A 337 -5.54 10.87 1.24
C SER A 337 -5.86 12.13 0.46
N ILE A 338 -7.14 12.48 0.45
CA ILE A 338 -7.56 13.71 -0.19
C ILE A 338 -6.65 14.88 0.21
N SER A 339 -6.40 15.06 1.49
CA SER A 339 -5.65 16.24 1.90
C SER A 339 -4.19 16.11 1.58
N GLU A 340 -3.53 14.99 1.88
CA GLU A 340 -2.12 14.92 1.52
C GLU A 340 -1.83 14.89 -0.02
N LEU A 341 -2.72 14.28 -0.80
CA LEU A 341 -2.59 14.29 -2.26
C LEU A 341 -2.52 15.72 -2.79
N LYS A 342 -3.46 16.56 -2.37
CA LYS A 342 -3.42 18.01 -2.69
C LYS A 342 -2.13 18.65 -2.19
N HIS A 343 -1.77 18.37 -0.96
CA HIS A 343 -0.61 18.95 -0.43
C HIS A 343 0.66 18.60 -1.20
N ALA A 344 0.82 17.31 -1.55
CA ALA A 344 2.08 16.92 -2.23
C ALA A 344 2.29 17.64 -3.53
N LEU A 345 1.25 17.96 -4.30
CA LEU A 345 1.50 18.71 -5.56
C LEU A 345 1.16 20.21 -5.48
N SER A 346 0.94 20.75 -4.28
CA SER A 346 0.54 22.16 -4.08
C SER A 346 1.65 23.20 -4.38
N GLY A 347 2.93 22.79 -4.35
CA GLY A 347 4.06 23.71 -4.40
C GLY A 347 4.65 24.10 -3.06
N HIS A 348 4.01 23.71 -1.97
CA HIS A 348 4.44 23.95 -0.59
C HIS A 348 5.34 22.85 -0.01
N ALA A 349 5.37 21.69 -0.63
CA ALA A 349 6.15 20.59 -0.12
C ALA A 349 7.55 20.65 -0.72
N LYS A 350 8.51 20.23 0.07
CA LYS A 350 9.88 20.03 -0.27
C LYS A 350 10.07 18.70 -1.03
N VAL A 351 10.68 18.73 -2.19
CA VAL A 351 10.86 17.52 -2.99
C VAL A 351 12.33 17.36 -3.38
N LYS A 352 12.79 16.10 -3.41
CA LYS A 352 14.15 15.74 -3.72
C LYS A 352 14.17 14.54 -4.65
N PRO A 353 15.29 14.37 -5.40
CA PRO A 353 15.48 13.21 -6.25
C PRO A 353 15.51 11.91 -5.42
N PHE A 354 14.86 10.87 -5.92
CA PHE A 354 14.96 9.61 -5.30
C PHE A 354 16.37 9.12 -5.51
N ASP A 355 17.03 8.74 -4.42
CA ASP A 355 18.44 8.29 -4.44
C ASP A 355 18.63 7.43 -3.19
N PRO A 356 18.57 6.10 -3.36
CA PRO A 356 18.45 5.20 -2.18
C PRO A 356 19.40 5.46 -1.00
N LYS A 357 20.68 5.68 -1.27
CA LYS A 357 21.65 5.91 -0.18
C LYS A 357 21.29 7.15 0.67
N ILE A 358 20.65 8.13 0.05
CA ILE A 358 20.10 9.28 0.77
C ILE A 358 18.70 9.05 1.31
N THR A 359 17.81 8.60 0.45
CA THR A 359 16.42 8.42 0.85
C THR A 359 16.28 7.44 2.03
N CYS A 360 17.13 6.41 2.09
CA CYS A 360 17.05 5.41 3.20
C CYS A 360 17.28 5.98 4.64
N LYS A 361 17.92 7.12 4.72
CA LYS A 361 18.19 7.83 5.97
C LYS A 361 17.04 8.70 6.39
N GLN A 362 16.10 8.96 5.48
CA GLN A 362 15.03 9.84 5.85
C GLN A 362 14.10 9.22 6.89
N GLU A 363 13.68 10.01 7.88
CA GLU A 363 12.78 9.51 8.88
C GLU A 363 11.36 9.36 8.27
N CYS A 364 10.66 8.27 8.60
CA CYS A 364 9.28 8.05 8.15
C CYS A 364 8.34 8.66 9.16
N LEU A 365 7.61 9.70 8.78
CA LEU A 365 6.66 10.29 9.69
C LEU A 365 5.34 9.54 9.69
N ILE A 366 4.72 9.46 10.86
CA ILE A 366 3.60 8.57 11.17
C ILE A 366 2.26 9.29 11.40
N THR A 367 2.22 10.47 12.01
CA THR A 367 0.91 11.08 12.26
C THR A 367 0.65 12.41 11.56
N THR A 368 1.54 12.80 10.67
CA THR A 368 1.50 14.05 9.95
C THR A 368 1.75 13.79 8.48
N PHE A 369 1.58 14.80 7.66
CA PHE A 369 2.08 14.83 6.30
C PHE A 369 3.58 14.57 6.37
N GLN A 370 4.15 14.01 5.32
CA GLN A 370 5.60 13.92 5.28
C GLN A 370 6.24 15.32 5.18
N ASP A 371 7.49 15.45 5.63
CA ASP A 371 8.31 16.67 5.46
C ASP A 371 9.06 16.72 4.12
N VAL A 372 9.22 15.62 3.43
CA VAL A 372 9.81 15.65 2.09
C VAL A 372 9.21 14.48 1.27
N TYR A 373 9.02 14.71 -0.02
CA TYR A 373 8.70 13.66 -0.99
C TYR A 373 9.88 13.49 -1.97
N PHE A 374 10.19 12.24 -2.29
CA PHE A 374 11.19 11.88 -3.29
C PHE A 374 10.57 11.65 -4.65
N VAL A 375 11.24 12.17 -5.69
CA VAL A 375 10.78 12.13 -7.03
C VAL A 375 11.64 11.13 -7.80
N SER A 376 10.97 10.12 -8.37
CA SER A 376 11.63 9.12 -9.22
C SER A 376 11.41 9.50 -10.69
N GLU A 377 12.32 9.09 -11.57
CA GLU A 377 12.18 9.36 -13.02
C GLU A 377 11.19 8.43 -13.68
N SER A 378 11.16 7.16 -13.28
CA SER A 378 10.21 6.18 -13.76
C SER A 378 10.31 4.95 -12.88
N PHE A 379 9.35 4.04 -13.02
CA PHE A 379 9.45 2.79 -12.24
C PHE A 379 10.62 1.99 -12.69
N GLU A 380 10.96 2.00 -13.95
CA GLU A 380 12.14 1.29 -14.45
C GLU A 380 13.42 1.80 -13.84
N ASP A 381 13.56 3.12 -13.84
CA ASP A 381 14.73 3.77 -13.26
C ASP A 381 14.85 3.57 -11.71
N ALA A 382 13.73 3.64 -11.02
CA ALA A 382 13.76 3.42 -9.59
C ALA A 382 14.21 2.00 -9.26
N LYS A 383 13.73 1.09 -10.07
CA LYS A 383 14.10 -0.27 -9.92
C LYS A 383 15.63 -0.41 -10.13
N GLU A 384 16.14 0.20 -11.17
CA GLU A 384 17.61 0.10 -11.46
C GLU A 384 18.39 0.70 -10.35
N LYS A 385 17.92 1.83 -9.83
CA LYS A 385 18.55 2.43 -8.66
C LYS A 385 18.54 1.50 -7.46
N MET A 386 17.40 0.86 -7.16
CA MET A 386 17.42 -0.07 -6.07
C MET A 386 18.35 -1.27 -6.30
N ARG A 387 18.42 -1.75 -7.53
CA ARG A 387 19.33 -2.85 -7.81
C ARG A 387 20.78 -2.44 -7.45
N GLU A 388 21.22 -1.26 -7.85
CA GLU A 388 22.58 -0.76 -7.53
C GLU A 388 22.73 -0.69 -6.01
N PHE A 389 21.70 -0.18 -5.34
CA PHE A 389 21.78 0.00 -3.90
C PHE A 389 21.87 -1.31 -3.12
N THR A 390 21.12 -2.34 -3.52
CA THR A 390 21.02 -3.54 -2.72
CA THR A 390 21.01 -3.55 -2.74
C THR A 390 22.36 -4.26 -2.69
N LYS A 391 23.11 -4.18 -3.79
CA LYS A 391 24.49 -4.75 -3.84
C LYS A 391 25.35 -4.25 -2.75
N THR A 392 25.30 -2.95 -2.51
CA THR A 392 26.06 -2.34 -1.43
C THR A 392 25.53 -2.64 -0.02
N ILE A 393 24.39 -3.31 0.17
CA ILE A 393 24.01 -3.73 1.56
C ILE A 393 23.81 -5.23 1.75
N LYS A 394 24.21 -5.99 0.74
CA LYS A 394 24.51 -7.41 0.81
C LYS A 394 26.03 -7.52 0.61
FE FE B . 0.20 1.41 2.26
C1 6Z4 C . 3.30 2.30 6.02
C2 6Z4 C . 1.61 3.79 6.66
C12 6Z4 C . 2.14 3.85 7.94
C13 6Z4 C . 3.29 3.09 8.17
C14 6Z4 C . 5.39 2.83 9.38
C22 6Z4 C . 6.50 -0.03 8.16
C23 6Z4 C . 7.53 0.65 7.52
C25 6Z4 C . 7.25 -0.72 5.50
C26 6Z4 C . 6.20 -1.40 6.08
N1 6Z4 C . 3.93 1.44 5.15
N2 6Z4 C . 2.21 3.02 5.71
N3 6Z4 C . 0.49 4.56 6.32
CE1 6Z4 C . -0.31 5.25 7.27
CD1 6Z4 C . -1.72 5.43 6.74
CG 6Z4 C . -1.79 6.15 5.41
CD2 6Z4 C . -0.90 5.35 4.48
CE2 6Z4 C . 0.52 5.21 4.99
C8 6Z4 C . -1.36 7.62 5.53
N 6Z4 C . -2.54 8.42 5.14
CA 6Z4 C . -3.30 7.49 4.26
C 6Z4 C . -4.75 7.89 4.00
O 6Z4 C . -5.43 7.19 3.17
O2 6Z4 C . -5.15 8.86 4.71
CB 6Z4 C . -3.21 6.14 4.92
OH 6Z4 C . 3.93 3.19 9.43
C15 6Z4 C . 6.26 3.95 10.01
F1 6Z4 C . 7.53 3.49 10.04
F2 6Z4 C . 6.27 5.13 9.33
F3 6Z4 C . 5.89 4.31 11.29
C16 6Z4 C . 5.51 1.46 10.04
C17 6Z4 C . 4.96 1.45 11.30
C18 6Z4 C . 4.88 0.35 12.09
C19 6Z4 C . 5.35 -0.82 11.62
CL1 6Z4 C . 5.16 -2.15 12.66
C20 6Z4 C . 5.85 -0.88 10.35
C21 6Z4 C . 5.99 0.24 9.53
C24 6Z4 C . 7.91 0.30 6.21
C27 6Z4 C . 5.86 -1.04 7.39
N5 6Z4 C . 3.85 2.28 7.23
#